data_6B63
#
_entry.id   6B63
#
_cell.length_a   89.645
_cell.length_b   89.645
_cell.length_c   101.915
_cell.angle_alpha   90.00
_cell.angle_beta   90.00
_cell.angle_gamma   120.00
#
_symmetry.space_group_name_H-M   'P 32'
#
loop_
_entity.id
_entity.type
_entity.pdbx_description
1 polymer Fructose-1,6-bisphosphatase/inositol-1-monophosphatase
2 non-polymer '(2R)-2,3-dihydroxypropyl (2S)-2,3-dihydroxypropyl hydrogen phosphate'
3 non-polymer 'PHOSPHATE ION'
4 non-polymer 'MAGNESIUM ION'
5 non-polymer 'SULFATE ION'
6 non-polymer '4-(2-HYDROXYETHYL)-1-PIPERAZINE ETHANESULFONIC ACID'
7 water water
#
_entity_poly.entity_id   1
_entity_poly.type   'polypeptide(L)'
_entity_poly.pdbx_seq_one_letter_code
;MDERDALRISREIAGEVRKAIASMPLRERVKDVGMGKDGTPTKAADRVAEDAALEILRKERVTVVTEESGVLGEGDVFVA
LDPLDGTFNATRGIPVYSVSLCFSYSDKLKDAFFGYVYNLATGDEYYADSSGAYRNGERIEVSDAEELYCNAIIYYPDRK
FPFKRMRIFGSAATELCFFADGSFDCFLDIRPGKMLRIYDAAAGVFIAEKAGGKVTELDGESLGNKKFDMQERLNIVAAN
EKLHPKLLELIK
;
_entity_poly.pdbx_strand_id   A,B
#
# COMPACT_ATOMS: atom_id res chain seq x y z
N MET A 1 34.40 11.22 -4.11
CA MET A 1 33.18 11.52 -3.37
C MET A 1 33.08 10.62 -2.12
N ASP A 2 32.48 11.13 -1.03
CA ASP A 2 32.31 10.31 0.17
C ASP A 2 30.86 10.29 0.66
N GLU A 3 30.54 9.36 1.56
CA GLU A 3 29.17 9.21 2.02
C GLU A 3 28.56 10.45 2.65
N ARG A 4 29.41 11.37 3.11
CA ARG A 4 28.91 12.63 3.62
C ARG A 4 28.30 13.45 2.45
N ASP A 5 29.03 13.53 1.35
CA ASP A 5 28.55 14.23 0.15
C ASP A 5 27.27 13.58 -0.36
N ALA A 6 27.27 12.25 -0.41
CA ALA A 6 26.13 11.53 -0.96
C ALA A 6 24.85 11.84 -0.20
N LEU A 7 24.98 12.03 1.11
CA LEU A 7 23.82 12.35 1.92
C LEU A 7 23.29 13.74 1.58
N ARG A 8 24.19 14.70 1.46
CA ARG A 8 23.80 16.08 1.18
C ARG A 8 23.15 16.18 -0.19
N ILE A 9 23.85 15.63 -1.18
CA ILE A 9 23.38 15.59 -2.56
C ILE A 9 22.02 14.92 -2.63
N SER A 10 21.87 13.80 -1.94
CA SER A 10 20.60 13.08 -1.95
C SER A 10 19.50 13.91 -1.31
N ARG A 11 19.81 14.49 -0.16
CA ARG A 11 18.84 15.30 0.54
C ARG A 11 18.45 16.51 -0.31
N GLU A 12 19.42 17.07 -1.02
CA GLU A 12 19.15 18.22 -1.85
C GLU A 12 18.17 17.80 -2.96
N ILE A 13 18.43 16.64 -3.54
CA ILE A 13 17.58 16.08 -4.59
C ILE A 13 16.17 15.73 -4.10
N ALA A 14 16.08 15.14 -2.91
CA ALA A 14 14.77 14.84 -2.34
C ALA A 14 13.90 16.10 -2.22
N GLY A 15 14.52 17.20 -1.84
CA GLY A 15 13.79 18.45 -1.69
C GLY A 15 13.12 18.88 -2.98
N GLU A 16 13.90 18.95 -4.05
CA GLU A 16 13.40 19.45 -5.32
C GLU A 16 12.35 18.53 -5.93
N VAL A 17 12.58 17.23 -5.80
CA VAL A 17 11.67 16.26 -6.38
C VAL A 17 10.35 16.32 -5.62
N ARG A 18 10.43 16.32 -4.29
CA ARG A 18 9.23 16.36 -3.47
C ARG A 18 8.41 17.60 -3.85
N LYS A 19 9.13 18.72 -3.99
CA LYS A 19 8.53 19.99 -4.35
C LYS A 19 7.84 19.92 -5.73
N ALA A 20 8.56 19.40 -6.71
CA ALA A 20 7.98 19.26 -8.05
C ALA A 20 6.71 18.42 -8.07
N ILE A 21 6.79 17.21 -7.49
CA ILE A 21 5.67 16.29 -7.52
C ILE A 21 4.46 16.88 -6.81
N ALA A 22 4.68 17.42 -5.62
CA ALA A 22 3.57 17.91 -4.82
C ALA A 22 2.77 19.00 -5.55
N SER A 23 3.47 19.86 -6.28
CA SER A 23 2.81 20.97 -6.96
C SER A 23 2.02 20.55 -8.21
N MET A 24 2.17 19.29 -8.61
CA MET A 24 1.53 18.79 -9.82
C MET A 24 0.22 18.05 -9.54
N PRO A 25 -0.89 18.57 -10.10
CA PRO A 25 -2.20 17.93 -9.99
C PRO A 25 -2.17 16.51 -10.54
N LEU A 26 -3.12 15.67 -10.13
CA LEU A 26 -3.08 14.28 -10.54
C LEU A 26 -3.31 14.16 -12.03
N ARG A 27 -4.21 14.99 -12.58
CA ARG A 27 -4.52 14.99 -14.01
C ARG A 27 -3.26 15.13 -14.82
N GLU A 28 -2.33 15.95 -14.33
CA GLU A 28 -1.09 16.19 -15.05
C GLU A 28 -0.15 15.02 -14.88
N ARG A 29 0.02 14.61 -13.62
CA ARG A 29 0.94 13.53 -13.25
C ARG A 29 0.79 12.30 -14.13
N VAL A 30 -0.46 11.96 -14.46
CA VAL A 30 -0.78 10.68 -15.07
C VAL A 30 -0.65 10.71 -16.62
N LYS A 31 -0.37 11.89 -17.17
CA LYS A 31 -0.22 12.00 -18.63
C LYS A 31 1.05 11.31 -19.14
N ASP A 32 0.90 10.41 -20.12
CA ASP A 32 2.03 9.86 -20.85
C ASP A 32 2.70 10.92 -21.72
N VAL A 33 3.98 11.23 -21.49
CA VAL A 33 4.65 12.32 -22.22
C VAL A 33 5.82 11.89 -23.10
N GLY A 34 6.22 10.62 -23.00
CA GLY A 34 7.38 10.18 -23.74
C GLY A 34 7.66 8.70 -23.56
N MET A 35 8.68 8.22 -24.26
CA MET A 35 9.13 6.86 -24.10
C MET A 35 10.45 6.87 -23.32
N GLY A 36 10.54 6.05 -22.29
CA GLY A 36 11.71 6.05 -21.45
C GLY A 36 12.80 5.15 -21.99
N LYS A 37 14.06 5.58 -21.86
CA LYS A 37 15.19 4.79 -22.34
C LYS A 37 15.19 3.35 -21.81
N ASP A 38 14.37 3.13 -20.78
CA ASP A 38 14.23 1.84 -20.14
C ASP A 38 13.22 0.99 -20.88
N GLY A 39 12.48 1.61 -21.79
CA GLY A 39 11.49 0.89 -22.58
C GLY A 39 10.07 0.88 -22.03
N THR A 40 9.84 1.59 -20.93
CA THR A 40 8.50 1.84 -20.44
C THR A 40 8.16 3.30 -20.67
N PRO A 41 6.87 3.65 -20.59
CA PRO A 41 6.56 5.07 -20.75
C PRO A 41 7.09 5.95 -19.64
N THR A 42 7.32 7.23 -19.94
CA THR A 42 7.67 8.25 -18.98
C THR A 42 6.43 9.10 -18.70
N LYS A 43 5.85 8.96 -17.50
CA LYS A 43 4.74 9.83 -17.10
C LYS A 43 5.29 11.22 -16.82
N ALA A 44 4.39 12.20 -16.78
CA ALA A 44 4.80 13.58 -16.56
C ALA A 44 5.47 13.70 -15.20
N ALA A 45 4.91 12.98 -14.22
CA ALA A 45 5.50 12.92 -12.89
C ALA A 45 6.93 12.39 -12.94
N ASP A 46 7.18 11.32 -13.69
CA ASP A 46 8.54 10.82 -13.89
C ASP A 46 9.45 11.93 -14.42
N ARG A 47 8.95 12.65 -15.43
CA ARG A 47 9.76 13.67 -16.10
C ARG A 47 10.17 14.82 -15.18
N VAL A 48 9.20 15.47 -14.54
CA VAL A 48 9.52 16.56 -13.63
C VAL A 48 10.40 16.12 -12.46
N ALA A 49 10.22 14.88 -12.03
CA ALA A 49 11.08 14.31 -11.00
C ALA A 49 12.51 14.16 -11.52
N GLU A 50 12.68 13.50 -12.67
CA GLU A 50 14.01 13.26 -13.18
C GLU A 50 14.77 14.56 -13.50
N ASP A 51 14.08 15.52 -14.11
CA ASP A 51 14.75 16.74 -14.54
C ASP A 51 15.23 17.50 -13.32
N ALA A 52 14.43 17.49 -12.26
CA ALA A 52 14.83 18.11 -10.99
C ALA A 52 16.06 17.42 -10.40
N ALA A 53 16.04 16.09 -10.38
CA ALA A 53 17.15 15.31 -9.84
C ALA A 53 18.41 15.49 -10.65
N LEU A 54 18.30 15.39 -11.97
CA LEU A 54 19.46 15.43 -12.85
C LEU A 54 20.22 16.73 -12.74
N GLU A 55 19.47 17.81 -12.53
CA GLU A 55 20.07 19.12 -12.55
C GLU A 55 21.03 19.30 -11.38
N ILE A 56 20.75 18.60 -10.29
CA ILE A 56 21.62 18.62 -9.12
C ILE A 56 22.79 17.65 -9.31
N LEU A 57 22.47 16.49 -9.88
CA LEU A 57 23.43 15.40 -10.05
C LEU A 57 24.49 15.65 -11.12
N ARG A 58 24.12 16.29 -12.21
CA ARG A 58 25.03 16.40 -13.34
C ARG A 58 26.27 17.09 -12.81
N LYS A 59 26.04 18.03 -11.90
CA LYS A 59 27.08 18.87 -11.36
C LYS A 59 28.16 18.07 -10.65
N GLU A 60 27.97 16.75 -10.56
CA GLU A 60 28.92 15.89 -9.88
C GLU A 60 29.70 14.99 -10.85
N ARG A 61 30.84 14.47 -10.39
CA ARG A 61 31.65 13.58 -11.22
C ARG A 61 31.10 12.16 -11.16
N VAL A 62 29.89 12.00 -11.70
CA VAL A 62 29.20 10.74 -11.63
C VAL A 62 28.78 10.26 -13.01
N THR A 63 28.59 8.96 -13.13
CA THR A 63 27.82 8.42 -14.23
C THR A 63 26.46 8.07 -13.65
N VAL A 64 25.41 8.75 -14.12
CA VAL A 64 24.06 8.47 -13.65
C VAL A 64 23.44 7.42 -14.53
N VAL A 65 22.83 6.41 -13.92
CA VAL A 65 22.00 5.48 -14.66
C VAL A 65 20.59 5.58 -14.07
N THR A 66 19.68 6.14 -14.87
CA THR A 66 18.34 6.55 -14.45
C THR A 66 17.26 6.05 -15.42
N GLU A 67 16.06 5.84 -14.90
CA GLU A 67 15.00 5.11 -15.61
C GLU A 67 14.52 5.76 -16.91
N GLU A 68 14.29 7.05 -16.87
CA GLU A 68 13.68 7.70 -18.01
C GLU A 68 14.72 8.06 -19.06
N SER A 69 15.84 8.62 -18.62
CA SER A 69 16.87 9.11 -19.55
C SER A 69 18.05 8.17 -19.85
N GLY A 70 18.09 7.00 -19.22
CA GLY A 70 19.17 6.05 -19.47
C GLY A 70 20.48 6.43 -18.79
N VAL A 71 21.60 6.15 -19.45
CA VAL A 71 22.91 6.40 -18.87
C VAL A 71 23.47 7.78 -19.27
N LEU A 72 23.82 8.58 -18.26
CA LEU A 72 24.29 9.95 -18.47
C LEU A 72 25.56 10.24 -17.69
N GLY A 73 26.54 10.84 -18.34
CA GLY A 73 27.74 11.29 -17.65
C GLY A 73 28.91 10.34 -17.84
N GLU A 74 30.04 10.70 -17.23
CA GLU A 74 31.28 9.95 -17.42
C GLU A 74 32.02 9.62 -16.13
N GLY A 75 31.61 10.27 -15.04
CA GLY A 75 32.31 10.15 -13.78
C GLY A 75 32.56 8.74 -13.29
N ASP A 76 33.56 8.57 -12.44
CA ASP A 76 33.91 7.24 -11.95
C ASP A 76 32.94 6.72 -10.87
N VAL A 77 32.21 7.64 -10.24
CA VAL A 77 31.18 7.22 -9.31
C VAL A 77 29.87 6.96 -10.05
N PHE A 78 29.29 5.80 -9.83
CA PHE A 78 28.05 5.41 -10.49
C PHE A 78 26.85 5.59 -9.58
N VAL A 79 25.78 6.14 -10.14
CA VAL A 79 24.58 6.46 -9.37
C VAL A 79 23.34 5.84 -10.00
N ALA A 80 22.79 4.84 -9.34
CA ALA A 80 21.56 4.23 -9.79
C ALA A 80 20.41 5.05 -9.27
N LEU A 81 19.67 5.68 -10.19
CA LEU A 81 18.66 6.64 -9.81
C LEU A 81 17.29 6.25 -10.32
N ASP A 82 16.38 5.94 -9.42
CA ASP A 82 14.99 5.90 -9.84
C ASP A 82 14.42 7.24 -9.39
N PRO A 83 14.24 8.16 -10.35
CA PRO A 83 13.77 9.52 -10.06
C PRO A 83 12.40 9.47 -9.39
N LEU A 84 11.62 8.46 -9.74
CA LEU A 84 10.32 8.24 -9.13
C LEU A 84 9.97 6.77 -9.20
N ASP A 85 9.87 6.14 -8.03
CA ASP A 85 9.54 4.73 -7.93
C ASP A 85 8.19 4.62 -7.27
N GLY A 86 7.34 3.81 -7.87
CA GLY A 86 5.94 3.78 -7.47
C GLY A 86 5.17 4.86 -8.21
N THR A 87 5.62 5.16 -9.43
CA THR A 87 5.02 6.19 -10.27
C THR A 87 3.48 6.05 -10.33
N PHE A 88 3.01 4.83 -10.57
CA PHE A 88 1.58 4.52 -10.58
C PHE A 88 0.85 5.01 -9.33
N ASN A 89 1.41 4.73 -8.16
CA ASN A 89 0.80 5.23 -6.93
C ASN A 89 0.65 6.74 -6.94
N ALA A 90 1.72 7.42 -7.33
CA ALA A 90 1.73 8.87 -7.30
C ALA A 90 0.67 9.47 -8.26
N THR A 91 0.43 8.82 -9.39
CA THR A 91 -0.58 9.29 -10.32
C THR A 91 -2.00 9.18 -9.75
N ARG A 92 -2.21 8.26 -8.80
CA ARG A 92 -3.51 8.08 -8.15
C ARG A 92 -3.59 8.72 -6.75
N GLY A 93 -2.54 9.40 -6.31
CA GLY A 93 -2.54 9.99 -4.97
C GLY A 93 -2.49 8.95 -3.86
N ILE A 94 -1.93 7.78 -4.19
CA ILE A 94 -1.69 6.73 -3.22
C ILE A 94 -0.30 6.91 -2.62
N PRO A 95 -0.24 7.10 -1.29
CA PRO A 95 0.94 7.65 -0.64
C PRO A 95 2.13 6.69 -0.42
N VAL A 96 2.50 5.92 -1.43
CA VAL A 96 3.71 5.10 -1.34
C VAL A 96 4.54 5.25 -2.61
N TYR A 97 5.39 6.27 -2.64
CA TYR A 97 6.29 6.48 -3.76
C TYR A 97 7.50 7.26 -3.30
N SER A 98 8.63 7.02 -3.94
CA SER A 98 9.90 7.53 -3.45
C SER A 98 10.87 7.87 -4.55
N VAL A 99 11.84 8.71 -4.22
CA VAL A 99 13.04 8.85 -5.04
C VAL A 99 14.12 7.95 -4.43
N SER A 100 14.90 7.29 -5.28
CA SER A 100 15.88 6.31 -4.83
C SER A 100 17.25 6.51 -5.47
N LEU A 101 18.29 6.45 -4.66
CA LEU A 101 19.65 6.71 -5.12
C LEU A 101 20.61 5.74 -4.49
N CYS A 102 21.41 5.09 -5.32
CA CYS A 102 22.47 4.25 -4.82
C CYS A 102 23.79 4.67 -5.44
N PHE A 103 24.77 5.04 -4.61
CA PHE A 103 26.05 5.53 -5.09
C PHE A 103 27.11 4.45 -5.00
N SER A 104 27.90 4.29 -6.06
CA SER A 104 28.91 3.24 -6.04
C SER A 104 30.22 3.63 -6.69
N TYR A 105 31.29 3.11 -6.13
CA TYR A 105 32.64 3.43 -6.58
C TYR A 105 33.01 2.74 -7.90
N SER A 106 32.23 1.74 -8.28
CA SER A 106 32.35 1.16 -9.60
C SER A 106 30.96 1.02 -10.22
N ASP A 107 30.89 0.38 -11.39
CA ASP A 107 29.60 0.07 -12.02
C ASP A 107 28.95 -1.19 -11.45
N LYS A 108 29.47 -1.67 -10.31
CA LYS A 108 28.94 -2.86 -9.69
C LYS A 108 28.41 -2.55 -8.29
N LEU A 109 27.34 -3.23 -7.92
CA LEU A 109 26.70 -3.01 -6.63
C LEU A 109 27.60 -3.34 -5.45
N LYS A 110 28.54 -4.27 -5.65
CA LYS A 110 29.47 -4.68 -4.59
C LYS A 110 30.28 -3.49 -4.08
N ASP A 111 30.35 -2.44 -4.89
CA ASP A 111 31.11 -1.26 -4.51
C ASP A 111 30.19 -0.10 -4.14
N ALA A 112 28.98 -0.43 -3.70
CA ALA A 112 28.08 0.61 -3.23
C ALA A 112 28.59 1.21 -1.92
N PHE A 113 28.36 2.50 -1.72
CA PHE A 113 28.78 3.13 -0.48
C PHE A 113 27.72 4.05 0.11
N PHE A 114 26.61 4.22 -0.58
CA PHE A 114 25.51 5.01 -0.03
C PHE A 114 24.18 4.61 -0.66
N GLY A 115 23.17 4.47 0.18
CA GLY A 115 21.83 4.17 -0.30
C GLY A 115 20.87 5.21 0.22
N TYR A 116 19.88 5.62 -0.57
CA TYR A 116 18.93 6.64 -0.15
C TYR A 116 17.59 6.37 -0.81
N VAL A 117 16.55 6.32 0.00
CA VAL A 117 15.19 6.16 -0.49
C VAL A 117 14.35 7.10 0.35
N TYR A 118 13.65 8.01 -0.29
CA TYR A 118 12.93 9.05 0.41
C TYR A 118 11.49 9.03 -0.04
N ASN A 119 10.60 8.68 0.89
CA ASN A 119 9.19 8.58 0.58
C ASN A 119 8.64 9.97 0.29
N LEU A 120 8.26 10.21 -0.96
CA LEU A 120 7.92 11.55 -1.41
C LEU A 120 6.55 11.99 -0.93
N ALA A 121 5.72 11.02 -0.55
CA ALA A 121 4.39 11.33 -0.05
C ALA A 121 4.34 11.62 1.45
N THR A 122 5.15 10.91 2.26
CA THR A 122 5.19 11.08 3.72
C THR A 122 6.35 11.90 4.27
N GLY A 123 7.43 11.99 3.51
CA GLY A 123 8.63 12.62 4.03
C GLY A 123 9.52 11.69 4.84
N ASP A 124 9.22 10.39 4.85
CA ASP A 124 10.08 9.41 5.52
C ASP A 124 11.41 9.27 4.80
N GLU A 125 12.50 9.43 5.53
CA GLU A 125 13.81 9.33 4.91
C GLU A 125 14.60 8.09 5.35
N TYR A 126 14.82 7.18 4.40
CA TYR A 126 15.69 6.03 4.61
C TYR A 126 17.05 6.23 3.94
N TYR A 127 18.14 5.94 4.66
CA TYR A 127 19.43 5.79 4.01
C TYR A 127 20.37 4.89 4.78
N ALA A 128 21.49 4.59 4.15
CA ALA A 128 22.49 3.80 4.83
C ALA A 128 23.88 4.20 4.38
N ASP A 129 24.79 4.28 5.35
CA ASP A 129 26.21 4.40 5.05
C ASP A 129 26.97 3.40 5.91
N SER A 130 28.28 3.57 5.98
CA SER A 130 29.12 2.66 6.75
C SER A 130 28.78 2.67 8.24
N SER A 131 28.11 3.72 8.70
CA SER A 131 27.69 3.81 10.10
C SER A 131 26.39 3.06 10.42
N GLY A 132 25.72 2.54 9.41
CA GLY A 132 24.50 1.77 9.61
C GLY A 132 23.33 2.21 8.76
N ALA A 133 22.13 1.79 9.14
CA ALA A 133 20.90 2.10 8.42
C ALA A 133 19.96 2.98 9.25
N TYR A 134 19.29 3.93 8.60
CA TYR A 134 18.47 4.91 9.30
C TYR A 134 17.07 5.13 8.70
N ARG A 135 16.13 5.56 9.54
CA ARG A 135 14.82 5.98 9.08
C ARG A 135 14.49 7.26 9.84
N ASN A 136 14.47 8.38 9.13
CA ASN A 136 14.24 9.67 9.76
C ASN A 136 15.24 9.91 10.89
N GLY A 137 16.47 9.48 10.67
CA GLY A 137 17.57 9.78 11.57
C GLY A 137 17.80 8.75 12.68
N GLU A 138 17.03 7.67 12.67
CA GLU A 138 17.15 6.70 13.74
C GLU A 138 17.52 5.31 13.24
N ARG A 139 18.44 4.65 13.94
CA ARG A 139 18.94 3.34 13.53
C ARG A 139 17.82 2.33 13.41
N ILE A 140 17.92 1.45 12.41
CA ILE A 140 16.92 0.44 12.18
C ILE A 140 17.59 -0.91 11.99
N GLU A 141 16.81 -1.97 12.15
CA GLU A 141 17.33 -3.30 11.94
C GLU A 141 16.17 -4.21 11.57
N VAL A 142 16.48 -5.25 10.81
CA VAL A 142 15.48 -6.18 10.35
C VAL A 142 14.87 -6.96 11.52
N SER A 143 13.82 -7.73 11.25
CA SER A 143 13.14 -8.47 12.30
C SER A 143 13.80 -9.83 12.52
N ASP A 144 13.51 -10.46 13.66
CA ASP A 144 14.11 -11.76 14.01
C ASP A 144 13.16 -12.95 13.80
N ALA A 145 12.22 -12.79 12.88
CA ALA A 145 11.25 -13.83 12.58
C ALA A 145 11.93 -15.11 12.10
N GLU A 146 11.47 -16.24 12.64
CA GLU A 146 12.09 -17.52 12.34
C GLU A 146 11.15 -18.44 11.56
N GLU A 147 9.85 -18.17 11.66
CA GLU A 147 8.85 -19.05 11.07
C GLU A 147 8.39 -18.51 9.73
N LEU A 148 8.13 -19.41 8.79
CA LEU A 148 7.59 -19.02 7.48
C LEU A 148 6.27 -18.26 7.62
N TYR A 149 5.54 -18.55 8.68
CA TYR A 149 4.34 -17.83 9.01
C TYR A 149 4.73 -16.43 9.44
N CYS A 150 4.98 -15.56 8.47
CA CYS A 150 5.49 -14.20 8.74
C CYS A 150 4.76 -13.15 7.91
N ASN A 151 5.22 -11.90 8.01
CA ASN A 151 4.72 -10.77 7.20
C ASN A 151 5.55 -10.56 5.94
N ALA A 152 4.98 -10.87 4.77
CA ALA A 152 5.73 -10.85 3.53
C ALA A 152 5.31 -9.80 2.51
N ILE A 153 6.30 -9.17 1.89
CA ILE A 153 6.03 -8.39 0.71
C ILE A 153 6.50 -9.27 -0.43
N ILE A 154 5.58 -9.64 -1.32
CA ILE A 154 5.95 -10.61 -2.35
C ILE A 154 5.35 -10.35 -3.75
N TYR A 155 6.26 -10.15 -4.71
CA TYR A 155 5.92 -10.01 -6.13
C TYR A 155 6.32 -11.28 -6.84
N TYR A 156 5.39 -12.06 -7.39
CA TYR A 156 3.96 -12.01 -7.09
C TYR A 156 3.64 -13.41 -6.60
N PRO A 157 2.61 -13.54 -5.75
CA PRO A 157 2.25 -14.89 -5.28
C PRO A 157 1.55 -15.67 -6.38
N ASP A 158 1.97 -16.90 -6.64
CA ASP A 158 1.41 -17.69 -7.74
C ASP A 158 0.90 -19.06 -7.29
N ARG A 159 0.88 -19.28 -5.97
CA ARG A 159 0.38 -20.52 -5.38
C ARG A 159 0.06 -20.26 -3.92
N LYS A 160 -0.34 -21.32 -3.21
CA LYS A 160 -0.65 -21.23 -1.79
CA LYS A 160 -0.65 -21.17 -1.79
C LYS A 160 0.63 -21.11 -0.97
N PHE A 161 0.72 -20.07 -0.16
CA PHE A 161 1.90 -19.82 0.67
C PHE A 161 1.54 -19.93 2.14
N PRO A 162 2.56 -20.04 3.01
CA PRO A 162 2.29 -20.15 4.45
C PRO A 162 2.42 -18.85 5.21
N PHE A 163 2.47 -17.70 4.52
CA PHE A 163 2.68 -16.45 5.23
C PHE A 163 1.46 -16.03 6.03
N LYS A 164 1.75 -15.26 7.07
CA LYS A 164 0.71 -14.65 7.89
C LYS A 164 0.01 -13.54 7.10
N ARG A 165 0.79 -12.69 6.46
CA ARG A 165 0.27 -11.62 5.63
C ARG A 165 1.06 -11.58 4.36
N MET A 166 0.41 -11.16 3.28
CA MET A 166 1.12 -10.78 2.07
C MET A 166 0.70 -9.37 1.70
N ARG A 167 1.67 -8.56 1.26
CA ARG A 167 1.39 -7.20 0.83
C ARG A 167 2.14 -6.87 -0.46
N ILE A 168 1.55 -6.00 -1.28
CA ILE A 168 2.19 -5.54 -2.51
C ILE A 168 1.86 -4.06 -2.68
N PHE A 169 2.87 -3.20 -2.52
CA PHE A 169 2.58 -1.78 -2.36
C PHE A 169 2.85 -1.01 -3.62
N GLY A 170 3.74 -1.52 -4.45
CA GLY A 170 3.97 -0.90 -5.74
C GLY A 170 5.16 0.03 -5.79
N SER A 171 6.02 -0.02 -4.78
CA SER A 171 7.29 0.70 -4.81
C SER A 171 8.39 -0.18 -4.22
N ALA A 172 9.10 -0.91 -5.07
CA ALA A 172 10.11 -1.84 -4.58
C ALA A 172 11.14 -1.14 -3.71
N ALA A 173 11.52 0.09 -4.09
CA ALA A 173 12.48 0.85 -3.30
C ALA A 173 11.98 1.08 -1.89
N THR A 174 10.71 1.44 -1.75
CA THR A 174 10.18 1.72 -0.44
C THR A 174 9.98 0.42 0.30
N GLU A 175 9.52 -0.60 -0.41
CA GLU A 175 9.20 -1.86 0.24
C GLU A 175 10.43 -2.58 0.82
N LEU A 176 11.57 -2.43 0.18
CA LEU A 176 12.82 -2.96 0.72
C LEU A 176 13.17 -2.23 2.02
N CYS A 177 12.85 -0.96 2.09
CA CYS A 177 13.06 -0.21 3.32
C CYS A 177 12.05 -0.65 4.41
N PHE A 178 10.86 -1.04 4.01
CA PHE A 178 9.86 -1.54 4.95
C PHE A 178 10.38 -2.83 5.60
N PHE A 179 11.16 -3.56 4.84
CA PHE A 179 11.78 -4.76 5.35
C PHE A 179 13.00 -4.39 6.19
N ALA A 180 13.73 -3.36 5.76
CA ALA A 180 14.96 -2.98 6.44
C ALA A 180 14.70 -2.49 7.86
N ASP A 181 13.60 -1.77 8.06
CA ASP A 181 13.29 -1.25 9.39
C ASP A 181 12.52 -2.26 10.21
N GLY A 182 12.22 -3.40 9.61
CA GLY A 182 11.60 -4.52 10.30
C GLY A 182 10.09 -4.53 10.24
N SER A 183 9.50 -3.60 9.50
CA SER A 183 8.05 -3.54 9.37
C SER A 183 7.50 -4.83 8.78
N PHE A 184 8.20 -5.37 7.79
CA PHE A 184 7.90 -6.69 7.27
C PHE A 184 9.05 -7.64 7.52
N ASP A 185 8.78 -8.93 7.41
CA ASP A 185 9.77 -9.93 7.77
C ASP A 185 10.63 -10.31 6.58
N CYS A 186 10.09 -10.13 5.39
CA CYS A 186 10.85 -10.47 4.21
C CYS A 186 10.36 -9.72 2.98
N PHE A 187 11.24 -9.63 2.00
CA PHE A 187 10.89 -9.03 0.71
C PHE A 187 11.26 -9.98 -0.41
N LEU A 188 10.26 -10.37 -1.20
CA LEU A 188 10.47 -11.30 -2.29
C LEU A 188 9.98 -10.74 -3.61
N ASP A 189 10.86 -10.73 -4.59
CA ASP A 189 10.45 -10.53 -5.96
C ASP A 189 10.95 -11.75 -6.72
N ILE A 190 10.02 -12.63 -7.05
CA ILE A 190 10.39 -13.91 -7.59
C ILE A 190 9.81 -14.07 -8.97
N ARG A 191 9.32 -12.98 -9.53
CA ARG A 191 8.68 -13.02 -10.84
C ARG A 191 9.62 -13.60 -11.87
N PRO A 192 9.14 -14.62 -12.57
CA PRO A 192 9.94 -15.39 -13.53
C PRO A 192 10.57 -14.51 -14.60
N GLY A 193 9.84 -13.50 -15.04
CA GLY A 193 10.32 -12.61 -16.09
C GLY A 193 11.49 -11.72 -15.73
N LYS A 194 11.91 -11.72 -14.47
CA LYS A 194 12.97 -10.84 -13.96
C LYS A 194 12.71 -9.38 -14.32
N MET A 195 11.94 -8.70 -13.48
CA MET A 195 11.36 -7.40 -13.83
C MET A 195 12.06 -6.18 -13.20
N LEU A 196 12.53 -6.31 -11.96
CA LEU A 196 13.22 -5.22 -11.26
C LEU A 196 14.47 -4.75 -11.98
N ARG A 197 14.68 -3.45 -11.99
CA ARG A 197 15.84 -2.86 -12.64
C ARG A 197 16.76 -2.32 -11.57
N ILE A 198 18.02 -2.07 -11.92
CA ILE A 198 19.02 -1.67 -10.93
C ILE A 198 18.60 -0.46 -10.08
N TYR A 199 18.06 0.58 -10.71
CA TYR A 199 17.66 1.78 -9.96
C TYR A 199 16.45 1.55 -9.06
N ASP A 200 15.65 0.51 -9.35
CA ASP A 200 14.57 0.14 -8.42
C ASP A 200 15.11 -0.42 -7.11
N ALA A 201 16.15 -1.24 -7.17
CA ALA A 201 16.49 -2.09 -6.03
C ALA A 201 17.78 -1.74 -5.31
N ALA A 202 18.73 -1.15 -6.04
CA ALA A 202 20.07 -0.91 -5.50
C ALA A 202 20.05 -0.20 -4.14
N ALA A 203 19.51 1.01 -4.07
CA ALA A 203 19.48 1.72 -2.80
C ALA A 203 18.81 0.88 -1.72
N GLY A 204 17.68 0.28 -2.07
CA GLY A 204 16.93 -0.55 -1.14
C GLY A 204 17.70 -1.74 -0.61
N VAL A 205 18.40 -2.42 -1.49
CA VAL A 205 19.21 -3.56 -1.08
C VAL A 205 20.32 -3.18 -0.10
N PHE A 206 21.10 -2.16 -0.46
CA PHE A 206 22.17 -1.63 0.38
C PHE A 206 21.65 -1.24 1.77
N ILE A 207 20.54 -0.51 1.82
CA ILE A 207 19.96 -0.11 3.08
C ILE A 207 19.54 -1.34 3.88
N ALA A 208 18.92 -2.30 3.19
CA ALA A 208 18.47 -3.52 3.85
C ALA A 208 19.62 -4.36 4.38
N GLU A 209 20.75 -4.37 3.66
CA GLU A 209 21.89 -5.16 4.11
C GLU A 209 22.52 -4.55 5.36
N LYS A 210 22.76 -3.25 5.33
CA LYS A 210 23.29 -2.54 6.49
C LYS A 210 22.37 -2.65 7.70
N ALA A 211 21.10 -2.91 7.47
CA ALA A 211 20.16 -3.03 8.57
C ALA A 211 20.22 -4.43 9.15
N GLY A 212 21.03 -5.30 8.52
CA GLY A 212 21.20 -6.64 9.02
C GLY A 212 20.58 -7.76 8.20
N GLY A 213 19.97 -7.42 7.08
CA GLY A 213 19.29 -8.42 6.28
C GLY A 213 20.19 -9.20 5.35
N LYS A 214 19.79 -10.42 5.01
CA LYS A 214 20.45 -11.16 3.94
C LYS A 214 19.68 -10.91 2.65
N VAL A 215 20.37 -10.42 1.64
CA VAL A 215 19.71 -10.08 0.40
C VAL A 215 20.41 -10.74 -0.78
N THR A 216 19.74 -11.67 -1.44
CA THR A 216 20.36 -12.48 -2.50
C THR A 216 19.53 -12.55 -3.79
N GLU A 217 20.10 -13.10 -4.85
CA GLU A 217 19.33 -13.41 -6.05
C GLU A 217 18.48 -14.64 -5.77
N LEU A 218 17.83 -15.16 -6.80
CA LEU A 218 16.79 -16.17 -6.65
C LEU A 218 17.26 -17.47 -5.99
N ASP A 219 18.51 -17.85 -6.24
CA ASP A 219 19.00 -19.11 -5.72
C ASP A 219 20.07 -18.89 -4.65
N GLY A 220 20.09 -17.69 -4.06
CA GLY A 220 21.04 -17.38 -3.00
C GLY A 220 22.32 -16.74 -3.50
N GLU A 221 22.51 -16.76 -4.81
CA GLU A 221 23.65 -16.12 -5.45
CA GLU A 221 23.65 -16.12 -5.45
C GLU A 221 23.79 -14.71 -4.90
N SER A 222 25.01 -14.27 -4.62
CA SER A 222 25.23 -12.91 -4.15
C SER A 222 24.85 -11.88 -5.23
N LEU A 223 24.47 -10.68 -4.79
CA LEU A 223 24.04 -9.63 -5.72
C LEU A 223 25.17 -8.69 -6.05
N GLY A 224 26.36 -8.99 -5.52
CA GLY A 224 27.50 -8.10 -5.62
C GLY A 224 27.93 -7.78 -7.04
N ASN A 225 27.66 -8.71 -7.96
CA ASN A 225 28.11 -8.54 -9.33
C ASN A 225 27.09 -7.89 -10.28
N LYS A 226 25.92 -7.53 -9.74
CA LYS A 226 24.87 -6.87 -10.54
C LYS A 226 25.38 -5.51 -11.02
N LYS A 227 25.10 -5.19 -12.29
CA LYS A 227 25.66 -3.99 -12.90
CA LYS A 227 25.66 -3.99 -12.90
C LYS A 227 24.74 -2.77 -12.85
N PHE A 228 25.35 -1.59 -12.78
CA PHE A 228 24.64 -0.33 -12.89
C PHE A 228 24.44 0.03 -14.37
N ASP A 229 23.71 -0.79 -15.10
CA ASP A 229 23.40 -0.47 -16.50
C ASP A 229 21.90 -0.66 -16.76
N MET A 230 21.42 -0.31 -17.95
CA MET A 230 19.98 -0.38 -18.22
C MET A 230 19.49 -1.80 -18.46
N GLN A 231 20.40 -2.71 -18.82
CA GLN A 231 20.02 -4.07 -19.19
C GLN A 231 19.87 -4.99 -17.97
N GLU A 232 20.44 -4.58 -16.85
CA GLU A 232 20.45 -5.40 -15.64
C GLU A 232 19.04 -5.66 -15.08
N ARG A 233 18.83 -6.86 -14.57
CA ARG A 233 17.54 -7.24 -14.01
C ARG A 233 17.79 -8.07 -12.74
N LEU A 234 16.80 -8.15 -11.86
CA LEU A 234 17.00 -8.81 -10.56
C LEU A 234 15.80 -9.58 -10.05
N ASN A 235 16.06 -10.72 -9.43
CA ASN A 235 15.11 -11.27 -8.48
C ASN A 235 15.73 -11.02 -7.12
N ILE A 236 14.91 -10.97 -6.08
CA ILE A 236 15.40 -10.64 -4.76
C ILE A 236 14.77 -11.56 -3.74
N VAL A 237 15.59 -12.12 -2.88
CA VAL A 237 15.08 -12.82 -1.72
C VAL A 237 15.74 -12.18 -0.51
N ALA A 238 14.95 -11.45 0.28
CA ALA A 238 15.50 -10.71 1.41
C ALA A 238 14.79 -11.06 2.72
N ALA A 239 15.58 -11.40 3.74
CA ALA A 239 15.08 -11.74 5.05
C ALA A 239 16.27 -11.83 5.99
N ASN A 240 16.04 -11.82 7.29
CA ASN A 240 17.10 -12.03 8.27
C ASN A 240 17.81 -13.38 8.07
N GLU A 241 18.99 -13.51 8.67
CA GLU A 241 19.82 -14.71 8.54
CA GLU A 241 19.82 -14.71 8.54
C GLU A 241 19.08 -16.03 8.75
N LYS A 242 18.31 -16.12 9.84
CA LYS A 242 17.60 -17.35 10.18
C LYS A 242 16.53 -17.66 9.14
N LEU A 243 15.70 -16.66 8.87
CA LEU A 243 14.53 -16.83 8.02
C LEU A 243 14.89 -17.09 6.58
N HIS A 244 15.98 -16.47 6.17
CA HIS A 244 16.35 -16.47 4.75
C HIS A 244 16.43 -17.84 4.06
N PRO A 245 17.26 -18.76 4.58
CA PRO A 245 17.37 -20.04 3.86
C PRO A 245 16.07 -20.83 3.87
N LYS A 246 15.23 -20.60 4.88
CA LYS A 246 13.93 -21.24 4.95
C LYS A 246 13.06 -20.80 3.78
N LEU A 247 13.24 -19.54 3.37
CA LEU A 247 12.51 -18.98 2.23
C LEU A 247 13.05 -19.51 0.93
N LEU A 248 14.38 -19.62 0.84
CA LEU A 248 15.05 -20.14 -0.35
C LEU A 248 14.56 -21.55 -0.66
N GLU A 249 14.32 -22.32 0.40
CA GLU A 249 13.77 -23.66 0.29
C GLU A 249 12.34 -23.63 -0.23
N LEU A 250 11.56 -22.70 0.31
CA LEU A 250 10.12 -22.61 0.05
C LEU A 250 9.75 -22.36 -1.41
N ILE A 251 10.46 -21.44 -2.06
CA ILE A 251 10.14 -21.04 -3.43
C ILE A 251 10.84 -21.91 -4.47
N LYS A 252 11.73 -22.78 -4.01
CA LYS A 252 12.41 -23.72 -4.87
C LYS A 252 11.34 -24.51 -5.63
N MET B 1 -32.82 9.52 11.61
CA MET B 1 -31.49 10.00 11.24
C MET B 1 -31.41 10.08 9.72
N ASP B 2 -30.73 11.09 9.19
CA ASP B 2 -30.62 11.25 7.73
C ASP B 2 -29.16 11.32 7.25
N GLU B 3 -28.97 11.15 5.95
CA GLU B 3 -27.62 11.15 5.40
C GLU B 3 -26.81 12.41 5.73
N ARG B 4 -27.50 13.51 6.01
CA ARG B 4 -26.76 14.71 6.42
C ARG B 4 -26.19 14.58 7.83
N ASP B 5 -26.97 13.98 8.72
CA ASP B 5 -26.55 13.67 10.08
C ASP B 5 -25.31 12.77 10.06
N ALA B 6 -25.43 11.66 9.35
CA ALA B 6 -24.37 10.65 9.30
C ALA B 6 -23.06 11.26 8.84
N LEU B 7 -23.16 12.17 7.87
CA LEU B 7 -22.00 12.90 7.40
C LEU B 7 -21.36 13.67 8.53
N ARG B 8 -22.18 14.37 9.30
CA ARG B 8 -21.66 15.22 10.36
C ARG B 8 -21.02 14.37 11.47
N ILE B 9 -21.76 13.35 11.88
CA ILE B 9 -21.31 12.42 12.89
C ILE B 9 -20.01 11.77 12.47
N SER B 10 -19.99 11.30 11.22
CA SER B 10 -18.82 10.65 10.68
C SER B 10 -17.63 11.58 10.69
N ARG B 11 -17.85 12.82 10.27
CA ARG B 11 -16.74 13.77 10.26
C ARG B 11 -16.24 14.05 11.67
N GLU B 12 -17.17 14.12 12.63
CA GLU B 12 -16.79 14.42 13.98
C GLU B 12 -15.91 13.29 14.47
N ILE B 13 -16.38 12.06 14.24
CA ILE B 13 -15.64 10.86 14.56
C ILE B 13 -14.26 10.82 13.90
N ALA B 14 -14.21 11.14 12.60
CA ALA B 14 -12.94 11.10 11.87
C ALA B 14 -11.93 12.01 12.54
N GLY B 15 -12.35 13.22 12.88
CA GLY B 15 -11.48 14.18 13.54
C GLY B 15 -10.87 13.65 14.83
N GLU B 16 -11.71 13.11 15.70
CA GLU B 16 -11.26 12.63 16.99
C GLU B 16 -10.39 11.40 16.88
N VAL B 17 -10.67 10.58 15.88
CA VAL B 17 -9.88 9.38 15.70
C VAL B 17 -8.54 9.75 15.09
N ARG B 18 -8.56 10.67 14.12
CA ARG B 18 -7.33 11.13 13.50
C ARG B 18 -6.39 11.67 14.56
N LYS B 19 -6.94 12.46 15.50
CA LYS B 19 -6.17 13.05 16.59
C LYS B 19 -5.57 11.99 17.51
N ALA B 20 -6.37 11.00 17.88
CA ALA B 20 -5.91 10.01 18.82
C ALA B 20 -4.74 9.19 18.26
N ILE B 21 -4.86 8.77 17.00
CA ILE B 21 -3.81 7.95 16.38
C ILE B 21 -2.54 8.76 16.16
N ALA B 22 -2.70 9.98 15.66
CA ALA B 22 -1.54 10.79 15.34
C ALA B 22 -0.63 11.01 16.56
N SER B 23 -1.24 11.24 17.72
CA SER B 23 -0.46 11.52 18.91
C SER B 23 0.15 10.26 19.55
N MET B 24 -0.14 9.09 19.00
CA MET B 24 0.38 7.84 19.54
C MET B 24 1.65 7.36 18.83
N PRO B 25 2.75 7.20 19.58
CA PRO B 25 3.99 6.70 18.97
C PRO B 25 3.81 5.27 18.48
N LEU B 26 4.57 4.89 17.46
CA LEU B 26 4.49 3.55 16.91
C LEU B 26 4.75 2.49 17.97
N ARG B 27 5.69 2.76 18.87
CA ARG B 27 6.07 1.82 19.91
C ARG B 27 4.84 1.46 20.75
N GLU B 28 3.92 2.41 20.89
CA GLU B 28 2.74 2.22 21.73
C GLU B 28 1.61 1.60 20.92
N ARG B 29 1.43 2.10 19.70
CA ARG B 29 0.41 1.63 18.77
C ARG B 29 0.34 0.10 18.64
N VAL B 30 1.51 -0.52 18.61
CA VAL B 30 1.65 -1.93 18.24
C VAL B 30 1.45 -2.91 19.43
N LYS B 31 1.33 -2.37 20.64
CA LYS B 31 1.12 -3.24 21.80
C LYS B 31 -0.25 -3.92 21.78
N ASP B 32 -0.28 -5.25 21.91
CA ASP B 32 -1.54 -5.96 22.15
C ASP B 32 -2.04 -5.64 23.56
N VAL B 33 -3.29 -5.20 23.65
CA VAL B 33 -3.85 -4.75 24.92
C VAL B 33 -5.13 -5.50 25.30
N GLY B 34 -5.51 -6.49 24.50
CA GLY B 34 -6.72 -7.25 24.76
C GLY B 34 -7.18 -8.12 23.60
N MET B 35 -8.29 -8.82 23.81
CA MET B 35 -8.93 -9.60 22.77
C MET B 35 -10.19 -8.89 22.29
N GLY B 36 -10.33 -8.73 21.00
CA GLY B 36 -11.52 -8.10 20.46
C GLY B 36 -12.67 -9.08 20.40
N LYS B 37 -13.89 -8.56 20.53
CA LYS B 37 -15.08 -9.40 20.41
C LYS B 37 -15.11 -10.10 19.06
N ASP B 38 -14.36 -9.54 18.12
CA ASP B 38 -14.25 -10.11 16.80
C ASP B 38 -13.47 -11.42 16.81
N GLY B 39 -12.69 -11.64 17.87
CA GLY B 39 -11.84 -12.81 17.95
C GLY B 39 -10.40 -12.60 17.48
N THR B 40 -10.06 -11.37 17.08
CA THR B 40 -8.68 -10.99 16.79
C THR B 40 -8.25 -9.95 17.82
N PRO B 41 -6.95 -9.95 18.16
CA PRO B 41 -6.43 -9.05 19.19
C PRO B 41 -6.72 -7.58 18.91
N THR B 42 -6.95 -6.83 19.97
CA THR B 42 -7.13 -5.39 19.92
C THR B 42 -5.79 -4.72 20.22
N LYS B 43 -5.19 -4.09 19.21
CA LYS B 43 -4.00 -3.29 19.43
C LYS B 43 -4.39 -2.00 20.18
N ALA B 44 -3.39 -1.32 20.73
CA ALA B 44 -3.63 -0.10 21.48
C ALA B 44 -4.22 0.96 20.55
N ALA B 45 -3.71 0.97 19.32
CA ALA B 45 -4.24 1.84 18.26
C ALA B 45 -5.73 1.59 17.99
N ASP B 46 -6.14 0.33 17.87
CA ASP B 46 -7.57 0.00 17.74
C ASP B 46 -8.37 0.56 18.92
N ARG B 47 -7.86 0.35 20.14
CA ARG B 47 -8.61 0.72 21.34
C ARG B 47 -8.83 2.24 21.44
N VAL B 48 -7.78 3.01 21.19
CA VAL B 48 -7.92 4.45 21.33
C VAL B 48 -8.82 5.03 20.25
N ALA B 49 -8.76 4.45 19.05
CA ALA B 49 -9.64 4.86 17.96
C ALA B 49 -11.11 4.56 18.32
N GLU B 50 -11.39 3.33 18.73
CA GLU B 50 -12.76 2.93 18.99
C GLU B 50 -13.40 3.73 20.13
N ASP B 51 -12.64 3.90 21.21
CA ASP B 51 -13.12 4.68 22.35
C ASP B 51 -13.47 6.09 21.92
N ALA B 52 -12.64 6.67 21.05
CA ALA B 52 -12.92 8.00 20.51
C ALA B 52 -14.22 7.98 19.72
N ALA B 53 -14.40 6.93 18.92
CA ALA B 53 -15.54 6.84 18.03
C ALA B 53 -16.81 6.58 18.81
N LEU B 54 -16.79 5.55 19.65
CA LEU B 54 -17.98 5.20 20.44
C LEU B 54 -18.48 6.37 21.26
N GLU B 55 -17.55 7.19 21.73
CA GLU B 55 -17.87 8.34 22.54
C GLU B 55 -18.90 9.22 21.83
N ILE B 56 -18.72 9.36 20.53
CA ILE B 56 -19.55 10.24 19.73
C ILE B 56 -20.75 9.47 19.25
N LEU B 57 -20.50 8.23 18.87
CA LEU B 57 -21.49 7.36 18.23
C LEU B 57 -22.63 6.94 19.15
N ARG B 58 -22.32 6.69 20.41
CA ARG B 58 -23.34 6.11 21.30
C ARG B 58 -24.23 7.18 21.92
N LYS B 59 -23.95 8.43 21.57
CA LYS B 59 -24.88 9.52 21.77
C LYS B 59 -26.05 9.46 20.78
N GLU B 60 -25.99 8.55 19.81
CA GLU B 60 -27.02 8.47 18.77
C GLU B 60 -27.91 7.23 18.94
N ARG B 61 -29.13 7.28 18.41
CA ARG B 61 -30.08 6.17 18.50
CA ARG B 61 -30.07 6.17 18.52
C ARG B 61 -29.68 5.07 17.52
N VAL B 62 -28.60 4.36 17.83
CA VAL B 62 -28.05 3.38 16.90
C VAL B 62 -27.67 2.07 17.56
N THR B 63 -27.61 1.01 16.76
CA THR B 63 -26.84 -0.15 17.17
C THR B 63 -25.50 -0.10 16.42
N VAL B 64 -24.40 -0.10 17.17
CA VAL B 64 -23.07 -0.08 16.59
C VAL B 64 -22.57 -1.51 16.48
N VAL B 65 -22.08 -1.88 15.31
CA VAL B 65 -21.42 -3.16 15.18
C VAL B 65 -19.95 -2.87 14.88
N THR B 66 -19.10 -3.06 15.88
CA THR B 66 -17.69 -2.64 15.78
C THR B 66 -16.69 -3.75 16.09
N GLU B 67 -15.48 -3.65 15.52
CA GLU B 67 -14.51 -4.75 15.58
C GLU B 67 -14.06 -5.17 17.00
N GLU B 68 -13.72 -4.22 17.84
CA GLU B 68 -13.12 -4.59 19.12
C GLU B 68 -14.17 -4.82 20.20
N SER B 69 -15.18 -3.97 20.26
CA SER B 69 -16.18 -4.06 21.31
C SER B 69 -17.47 -4.81 20.94
N GLY B 70 -17.57 -5.26 19.69
CA GLY B 70 -18.73 -6.03 19.25
C GLY B 70 -20.00 -5.21 19.11
N VAL B 71 -21.14 -5.85 19.36
CA VAL B 71 -22.42 -5.17 19.18
C VAL B 71 -22.85 -4.36 20.40
N LEU B 72 -23.00 -3.06 20.21
CA LEU B 72 -23.34 -2.14 21.29
C LEU B 72 -24.54 -1.29 20.91
N GLY B 73 -25.31 -0.86 21.90
CA GLY B 73 -26.43 0.05 21.66
C GLY B 73 -27.68 -0.73 21.29
N GLU B 74 -28.77 -0.01 21.00
CA GLU B 74 -30.04 -0.67 20.74
CA GLU B 74 -30.04 -0.67 20.74
C GLU B 74 -30.93 0.07 19.74
N GLY B 75 -30.44 1.17 19.18
CA GLY B 75 -31.19 1.95 18.21
C GLY B 75 -31.62 1.19 16.96
N ASP B 76 -32.54 1.76 16.18
CA ASP B 76 -32.99 1.07 14.97
C ASP B 76 -32.08 1.27 13.76
N VAL B 77 -31.19 2.26 13.82
CA VAL B 77 -30.20 2.46 12.76
C VAL B 77 -28.94 1.70 13.08
N PHE B 78 -28.53 0.81 12.19
CA PHE B 78 -27.33 0.02 12.36
C PHE B 78 -26.10 0.69 11.77
N VAL B 79 -25.01 0.70 12.53
CA VAL B 79 -23.77 1.32 12.11
C VAL B 79 -22.63 0.31 12.13
N ALA B 80 -22.16 -0.08 10.95
CA ALA B 80 -21.01 -0.96 10.85
C ALA B 80 -19.73 -0.15 10.96
N LEU B 81 -19.01 -0.34 12.05
CA LEU B 81 -17.86 0.51 12.36
C LEU B 81 -16.58 -0.29 12.42
N ASP B 82 -15.64 0.02 11.54
CA ASP B 82 -14.30 -0.46 11.76
C ASP B 82 -13.58 0.75 12.29
N PRO B 83 -13.33 0.78 13.61
CA PRO B 83 -12.71 1.94 14.24
C PRO B 83 -11.35 2.21 13.63
N LEU B 84 -10.69 1.16 13.15
CA LEU B 84 -9.40 1.31 12.48
C LEU B 84 -9.11 0.11 11.58
N ASP B 85 -9.23 0.33 10.27
CA ASP B 85 -8.98 -0.70 9.28
C ASP B 85 -7.62 -0.42 8.66
N GLY B 86 -6.84 -1.48 8.45
CA GLY B 86 -5.43 -1.34 8.13
C GLY B 86 -4.57 -1.17 9.39
N THR B 87 -5.04 -1.73 10.51
CA THR B 87 -4.37 -1.57 11.79
C THR B 87 -2.88 -1.91 11.70
N PHE B 88 -2.56 -2.98 10.97
CA PHE B 88 -1.17 -3.38 10.78
C PHE B 88 -0.33 -2.29 10.11
N ASN B 89 -0.87 -1.63 9.08
CA ASN B 89 -0.11 -0.57 8.44
C ASN B 89 0.12 0.55 9.45
N ALA B 90 -0.89 0.83 10.24
CA ALA B 90 -0.82 1.93 11.20
C ALA B 90 0.29 1.75 12.25
N THR B 91 0.56 0.52 12.63
CA THR B 91 1.56 0.24 13.65
C THR B 91 2.98 0.31 13.07
N ARG B 92 3.10 0.37 11.74
CA ARG B 92 4.41 0.48 11.11
C ARG B 92 4.67 1.86 10.50
N GLY B 93 3.73 2.80 10.68
CA GLY B 93 3.82 4.09 10.01
C GLY B 93 3.74 4.00 8.48
N ILE B 94 2.94 3.05 7.99
CA ILE B 94 2.64 2.92 6.59
C ILE B 94 1.28 3.56 6.32
N PRO B 95 1.26 4.57 5.44
CA PRO B 95 0.15 5.53 5.30
C PRO B 95 -1.13 5.05 4.57
N VAL B 96 -1.57 3.82 4.84
CA VAL B 96 -2.81 3.33 4.25
C VAL B 96 -3.65 2.68 5.32
N TYR B 97 -4.39 3.50 6.05
CA TYR B 97 -5.30 2.98 7.07
C TYR B 97 -6.38 4.02 7.35
N SER B 98 -7.55 3.54 7.78
CA SER B 98 -8.73 4.39 7.81
C SER B 98 -9.71 4.06 8.90
N VAL B 99 -10.65 4.96 9.13
CA VAL B 99 -11.83 4.66 9.91
C VAL B 99 -13.00 4.49 8.92
N SER B 100 -13.86 3.52 9.19
CA SER B 100 -14.92 3.15 8.25
C SER B 100 -16.28 3.05 8.93
N LEU B 101 -17.26 3.73 8.38
CA LEU B 101 -18.62 3.70 8.94
C LEU B 101 -19.63 3.46 7.84
N CYS B 102 -20.51 2.48 8.04
CA CYS B 102 -21.68 2.36 7.19
C CYS B 102 -22.97 2.44 8.01
N PHE B 103 -23.88 3.32 7.61
CA PHE B 103 -25.13 3.50 8.35
C PHE B 103 -26.27 2.86 7.59
N SER B 104 -27.09 2.07 8.28
CA SER B 104 -28.19 1.38 7.63
C SER B 104 -29.49 1.45 8.42
N TYR B 105 -30.59 1.57 7.70
CA TYR B 105 -31.90 1.65 8.32
C TYR B 105 -32.43 0.32 8.89
N SER B 106 -31.80 -0.78 8.49
CA SER B 106 -32.06 -2.09 9.10
C SER B 106 -30.72 -2.76 9.44
N ASP B 107 -30.76 -4.03 9.86
CA ASP B 107 -29.52 -4.76 10.10
C ASP B 107 -28.98 -5.44 8.83
N LYS B 108 -29.50 -5.05 7.68
CA LYS B 108 -29.03 -5.58 6.40
C LYS B 108 -28.42 -4.49 5.51
N LEU B 109 -27.41 -4.89 4.75
CA LEU B 109 -26.67 -3.97 3.89
C LEU B 109 -27.54 -3.34 2.82
N LYS B 110 -28.59 -4.05 2.40
CA LYS B 110 -29.49 -3.53 1.37
C LYS B 110 -30.18 -2.24 1.83
N ASP B 111 -30.16 -1.99 3.13
CA ASP B 111 -30.80 -0.80 3.67
C ASP B 111 -29.81 0.28 4.10
N ALA B 112 -28.63 0.28 3.49
CA ALA B 112 -27.63 1.29 3.81
C ALA B 112 -28.03 2.62 3.18
N PHE B 113 -27.74 3.71 3.87
CA PHE B 113 -28.02 5.03 3.32
C PHE B 113 -26.81 5.95 3.35
N PHE B 114 -25.73 5.55 4.01
CA PHE B 114 -24.52 6.37 4.07
C PHE B 114 -23.27 5.53 4.26
N GLY B 115 -22.23 5.87 3.51
CA GLY B 115 -20.95 5.18 3.64
C GLY B 115 -19.83 6.19 3.85
N TYR B 116 -18.87 5.87 4.71
CA TYR B 116 -17.81 6.81 5.05
C TYR B 116 -16.51 6.08 5.34
N VAL B 117 -15.44 6.52 4.71
CA VAL B 117 -14.11 5.96 4.87
C VAL B 117 -13.09 7.08 4.80
N TYR B 118 -12.40 7.33 5.91
CA TYR B 118 -11.47 8.44 6.00
C TYR B 118 -10.07 7.92 6.26
N ASN B 119 -9.19 8.15 5.28
CA ASN B 119 -7.79 7.73 5.40
C ASN B 119 -7.13 8.53 6.52
N LEU B 120 -6.81 7.86 7.61
CA LEU B 120 -6.29 8.55 8.79
C LEU B 120 -4.87 9.08 8.61
N ALA B 121 -4.17 8.57 7.60
CA ALA B 121 -2.80 8.99 7.31
C ALA B 121 -2.70 10.22 6.40
N THR B 122 -3.54 10.26 5.35
CA THR B 122 -3.52 11.35 4.35
C THR B 122 -4.60 12.40 4.54
N GLY B 123 -5.68 12.03 5.22
CA GLY B 123 -6.82 12.92 5.35
C GLY B 123 -7.76 12.90 4.15
N ASP B 124 -7.53 11.98 3.22
CA ASP B 124 -8.46 11.78 2.11
C ASP B 124 -9.79 11.28 2.64
N GLU B 125 -10.86 12.01 2.36
CA GLU B 125 -12.18 11.61 2.82
C GLU B 125 -13.07 11.06 1.68
N TYR B 126 -13.42 9.78 1.79
CA TYR B 126 -14.38 9.14 0.86
C TYR B 126 -15.73 8.99 1.54
N TYR B 127 -16.81 9.39 0.88
CA TYR B 127 -18.14 9.03 1.37
C TYR B 127 -19.15 8.96 0.25
N ALA B 128 -20.34 8.49 0.59
CA ALA B 128 -21.40 8.41 -0.41
C ALA B 128 -22.78 8.50 0.22
N ASP B 129 -23.63 9.31 -0.39
CA ASP B 129 -25.04 9.35 -0.06
C ASP B 129 -25.84 9.28 -1.34
N SER B 130 -27.12 9.63 -1.25
CA SER B 130 -27.98 9.58 -2.42
C SER B 130 -27.51 10.48 -3.59
N SER B 131 -26.73 11.52 -3.30
CA SER B 131 -26.21 12.42 -4.33
C SER B 131 -24.94 11.90 -5.01
N GLY B 132 -24.48 10.71 -4.66
CA GLY B 132 -23.34 10.11 -5.33
C GLY B 132 -22.16 9.74 -4.43
N ALA B 133 -21.02 9.53 -5.07
CA ALA B 133 -19.79 9.17 -4.37
C ALA B 133 -18.78 10.30 -4.45
N TYR B 134 -18.12 10.60 -3.34
CA TYR B 134 -17.20 11.72 -3.26
C TYR B 134 -15.80 11.34 -2.71
N ARG B 135 -14.78 12.04 -3.19
CA ARG B 135 -13.43 11.96 -2.59
C ARG B 135 -12.97 13.38 -2.32
N ASN B 136 -12.85 13.74 -1.05
CA ASN B 136 -12.52 15.10 -0.66
C ASN B 136 -13.44 16.10 -1.34
N GLY B 137 -14.72 15.77 -1.42
CA GLY B 137 -15.72 16.67 -1.92
C GLY B 137 -16.01 16.57 -3.41
N GLU B 138 -15.09 15.98 -4.16
CA GLU B 138 -15.22 15.87 -5.62
CA GLU B 138 -15.29 15.90 -5.61
C GLU B 138 -15.85 14.53 -6.02
N ARG B 139 -16.82 14.56 -6.93
CA ARG B 139 -17.47 13.36 -7.43
C ARG B 139 -16.47 12.37 -8.02
N ILE B 140 -16.72 11.09 -7.82
CA ILE B 140 -15.84 10.06 -8.37
C ILE B 140 -16.66 8.98 -9.03
N GLU B 141 -15.98 8.18 -9.85
CA GLU B 141 -16.65 7.08 -10.53
C GLU B 141 -15.61 6.05 -10.94
N VAL B 142 -16.08 4.83 -11.17
CA VAL B 142 -15.20 3.72 -11.46
C VAL B 142 -14.63 3.83 -12.86
N SER B 143 -13.70 2.94 -13.20
CA SER B 143 -13.01 2.98 -14.48
C SER B 143 -13.77 2.17 -15.52
N ASP B 144 -13.58 2.54 -16.79
CA ASP B 144 -14.26 1.87 -17.91
C ASP B 144 -13.44 0.73 -18.54
N ALA B 145 -12.44 0.25 -17.79
CA ALA B 145 -11.57 -0.83 -18.26
C ALA B 145 -12.39 -2.02 -18.72
N GLU B 146 -11.99 -2.61 -19.84
CA GLU B 146 -12.79 -3.66 -20.46
C GLU B 146 -12.07 -5.00 -20.46
N GLU B 147 -10.74 -4.96 -20.49
CA GLU B 147 -9.96 -6.19 -20.62
C GLU B 147 -9.49 -6.68 -19.26
N LEU B 148 -9.35 -7.99 -19.13
CA LEU B 148 -8.81 -8.60 -17.93
C LEU B 148 -7.42 -8.09 -17.61
N TYR B 149 -6.72 -7.60 -18.62
CA TYR B 149 -5.42 -7.02 -18.44
C TYR B 149 -5.61 -5.62 -17.85
N CYS B 150 -5.85 -5.56 -16.55
CA CYS B 150 -6.19 -4.30 -15.86
C CYS B 150 -5.41 -4.14 -14.53
N ASN B 151 -5.77 -3.11 -13.76
CA ASN B 151 -5.19 -2.85 -12.45
C ASN B 151 -6.02 -3.42 -11.29
N ALA B 152 -5.50 -4.46 -10.65
CA ALA B 152 -6.27 -5.24 -9.68
C ALA B 152 -5.80 -5.11 -8.23
N ILE B 153 -6.74 -5.13 -7.32
CA ILE B 153 -6.41 -5.33 -5.94
C ILE B 153 -6.98 -6.68 -5.59
N ILE B 154 -6.11 -7.65 -5.29
CA ILE B 154 -6.59 -9.00 -5.09
C ILE B 154 -6.03 -9.72 -3.85
N TYR B 155 -6.94 -10.08 -2.95
CA TYR B 155 -6.64 -10.89 -1.77
C TYR B 155 -7.21 -12.26 -2.03
N TYR B 156 -6.38 -13.30 -2.20
CA TYR B 156 -4.95 -13.20 -2.43
C TYR B 156 -4.78 -13.93 -3.75
N PRO B 157 -3.75 -13.56 -4.54
CA PRO B 157 -3.52 -14.29 -5.80
C PRO B 157 -2.93 -15.66 -5.51
N ASP B 158 -3.39 -16.70 -6.20
CA ASP B 158 -2.83 -18.04 -5.98
C ASP B 158 -2.58 -18.84 -7.26
N ARG B 159 -2.51 -18.15 -8.39
CA ARG B 159 -2.21 -18.78 -9.66
C ARG B 159 -1.72 -17.70 -10.60
N LYS B 160 -1.36 -18.09 -11.81
CA LYS B 160 -1.01 -17.13 -12.84
C LYS B 160 -2.30 -16.39 -13.23
N PHE B 161 -2.29 -15.07 -13.04
CA PHE B 161 -3.42 -14.23 -13.44
C PHE B 161 -3.06 -13.32 -14.62
N PRO B 162 -4.07 -12.79 -15.30
CA PRO B 162 -3.73 -12.00 -16.49
C PRO B 162 -3.65 -10.50 -16.26
N PHE B 163 -3.61 -10.06 -15.01
CA PHE B 163 -3.65 -8.63 -14.74
C PHE B 163 -2.38 -7.88 -15.12
N LYS B 164 -2.55 -6.58 -15.31
CA LYS B 164 -1.42 -5.69 -15.57
C LYS B 164 -0.63 -5.47 -14.28
N ARG B 165 -1.32 -5.09 -13.21
CA ARG B 165 -0.70 -5.04 -11.89
C ARG B 165 -1.60 -5.67 -10.86
N MET B 166 -0.97 -6.16 -9.81
CA MET B 166 -1.67 -6.57 -8.61
C MET B 166 -1.10 -5.82 -7.42
N ARG B 167 -1.98 -5.39 -6.52
CA ARG B 167 -1.58 -4.69 -5.32
C ARG B 167 -2.38 -5.22 -4.15
N ILE B 168 -1.80 -5.16 -2.96
CA ILE B 168 -2.49 -5.54 -1.73
C ILE B 168 -2.02 -4.58 -0.65
N PHE B 169 -2.90 -3.72 -0.20
CA PHE B 169 -2.46 -2.59 0.61
C PHE B 169 -2.69 -2.80 2.07
N GLY B 170 -3.60 -3.71 2.38
CA GLY B 170 -3.86 -4.04 3.76
C GLY B 170 -4.96 -3.25 4.43
N SER B 171 -5.73 -2.48 3.65
CA SER B 171 -6.93 -1.83 4.20
C SER B 171 -8.10 -1.96 3.24
N ALA B 172 -8.88 -3.01 3.46
CA ALA B 172 -9.98 -3.32 2.55
C ALA B 172 -10.93 -2.13 2.42
N ALA B 173 -11.18 -1.43 3.51
CA ALA B 173 -12.06 -0.28 3.43
C ALA B 173 -11.48 0.75 2.49
N THR B 174 -10.20 1.05 2.64
CA THR B 174 -9.59 2.06 1.79
C THR B 174 -9.49 1.57 0.35
N GLU B 175 -9.17 0.29 0.18
CA GLU B 175 -8.91 -0.22 -1.16
C GLU B 175 -10.21 -0.27 -1.97
N LEU B 176 -11.33 -0.50 -1.30
CA LEU B 176 -12.62 -0.43 -1.99
C LEU B 176 -12.83 0.96 -2.57
N CYS B 177 -12.36 1.99 -1.87
CA CYS B 177 -12.46 3.36 -2.34
C CYS B 177 -11.48 3.67 -3.48
N PHE B 178 -10.32 3.02 -3.46
CA PHE B 178 -9.36 3.12 -4.56
C PHE B 178 -10.02 2.62 -5.86
N PHE B 179 -10.85 1.60 -5.74
CA PHE B 179 -11.60 1.12 -6.88
C PHE B 179 -12.74 2.07 -7.23
N ALA B 180 -13.36 2.64 -6.19
CA ALA B 180 -14.49 3.52 -6.39
C ALA B 180 -14.10 4.80 -7.13
N ASP B 181 -12.89 5.30 -6.89
CA ASP B 181 -12.50 6.50 -7.62
C ASP B 181 -11.81 6.13 -8.92
N GLY B 182 -11.76 4.83 -9.19
CA GLY B 182 -11.21 4.32 -10.43
C GLY B 182 -9.69 4.26 -10.48
N SER B 183 -9.03 4.50 -9.34
CA SER B 183 -7.58 4.31 -9.24
C SER B 183 -7.20 2.90 -9.64
N PHE B 184 -8.00 1.92 -9.21
CA PHE B 184 -7.83 0.55 -9.68
C PHE B 184 -9.07 0.10 -10.41
N ASP B 185 -8.94 -0.96 -11.20
CA ASP B 185 -10.01 -1.39 -12.08
C ASP B 185 -10.94 -2.38 -11.41
N CYS B 186 -10.44 -3.06 -10.40
CA CYS B 186 -11.28 -4.02 -9.73
C CYS B 186 -10.75 -4.32 -8.34
N PHE B 187 -11.64 -4.77 -7.47
CA PHE B 187 -11.29 -5.22 -6.14
C PHE B 187 -11.78 -6.65 -5.94
N LEU B 188 -10.88 -7.55 -5.61
CA LEU B 188 -11.27 -8.94 -5.39
C LEU B 188 -10.78 -9.41 -4.04
N ASP B 189 -11.71 -9.93 -3.23
CA ASP B 189 -11.32 -10.75 -2.10
C ASP B 189 -11.97 -12.11 -2.29
N ILE B 190 -11.16 -13.07 -2.68
CA ILE B 190 -11.65 -14.37 -3.06
C ILE B 190 -11.04 -15.42 -2.16
N ARG B 191 -10.49 -14.97 -1.03
CA ARG B 191 -9.93 -15.87 -0.04
C ARG B 191 -10.97 -16.88 0.37
N PRO B 192 -10.62 -18.17 0.24
CA PRO B 192 -11.59 -19.25 0.43
C PRO B 192 -12.14 -19.34 1.85
N GLY B 193 -11.37 -18.87 2.83
CA GLY B 193 -11.84 -18.86 4.20
C GLY B 193 -12.89 -17.83 4.57
N LYS B 194 -13.31 -16.99 3.62
CA LYS B 194 -14.22 -15.85 3.88
C LYS B 194 -13.77 -14.99 5.08
N MET B 195 -12.80 -14.11 4.83
CA MET B 195 -12.09 -13.44 5.91
C MET B 195 -12.64 -12.06 6.29
N LEU B 196 -13.12 -11.31 5.28
CA LEU B 196 -13.64 -9.96 5.48
C LEU B 196 -14.87 -9.92 6.38
N ARG B 197 -14.90 -8.94 7.27
CA ARG B 197 -16.01 -8.81 8.22
C ARG B 197 -16.90 -7.64 7.81
N ILE B 198 -18.14 -7.62 8.31
CA ILE B 198 -19.10 -6.58 7.91
C ILE B 198 -18.56 -5.15 7.97
N TYR B 199 -17.88 -4.80 9.05
CA TYR B 199 -17.40 -3.44 9.23
C TYR B 199 -16.17 -3.15 8.35
N ASP B 200 -15.51 -4.19 7.86
CA ASP B 200 -14.40 -4.00 6.93
C ASP B 200 -14.89 -3.48 5.57
N ALA B 201 -16.06 -3.94 5.14
CA ALA B 201 -16.43 -3.77 3.74
C ALA B 201 -17.65 -2.88 3.48
N ALA B 202 -18.58 -2.86 4.42
CA ALA B 202 -19.87 -2.21 4.19
C ALA B 202 -19.75 -0.79 3.61
N ALA B 203 -19.02 0.09 4.28
CA ALA B 203 -18.84 1.45 3.79
C ALA B 203 -18.24 1.44 2.39
N GLY B 204 -17.20 0.64 2.22
CA GLY B 204 -16.52 0.53 0.94
C GLY B 204 -17.44 0.08 -0.18
N VAL B 205 -18.21 -0.97 0.06
CA VAL B 205 -19.11 -1.46 -0.96
C VAL B 205 -20.13 -0.39 -1.39
N PHE B 206 -20.70 0.28 -0.41
CA PHE B 206 -21.71 1.29 -0.67
C PHE B 206 -21.13 2.40 -1.51
N ILE B 207 -19.96 2.88 -1.10
CA ILE B 207 -19.33 3.98 -1.82
C ILE B 207 -19.02 3.53 -3.24
N ALA B 208 -18.57 2.30 -3.40
CA ALA B 208 -18.23 1.79 -4.73
C ALA B 208 -19.47 1.60 -5.61
N GLU B 209 -20.57 1.19 -5.01
CA GLU B 209 -21.81 1.03 -5.75
C GLU B 209 -22.32 2.40 -6.19
N LYS B 210 -22.25 3.37 -5.28
CA LYS B 210 -22.74 4.71 -5.60
C LYS B 210 -21.86 5.42 -6.64
N ALA B 211 -20.79 4.74 -7.06
CA ALA B 211 -19.82 5.34 -7.94
C ALA B 211 -19.84 4.61 -9.27
N GLY B 212 -20.81 3.72 -9.42
CA GLY B 212 -20.99 3.00 -10.66
C GLY B 212 -20.53 1.56 -10.69
N GLY B 213 -19.87 1.11 -9.63
CA GLY B 213 -19.34 -0.24 -9.63
C GLY B 213 -20.39 -1.31 -9.37
N LYS B 214 -20.16 -2.48 -9.97
CA LYS B 214 -20.94 -3.67 -9.62
C LYS B 214 -20.15 -4.43 -8.56
N VAL B 215 -20.78 -4.69 -7.42
CA VAL B 215 -20.07 -5.29 -6.31
C VAL B 215 -20.86 -6.47 -5.78
N THR B 216 -20.30 -7.67 -5.88
CA THR B 216 -21.05 -8.88 -5.53
C THR B 216 -20.28 -9.85 -4.62
N GLU B 217 -20.94 -10.94 -4.25
CA GLU B 217 -20.32 -12.00 -3.48
C GLU B 217 -19.64 -12.89 -4.52
N LEU B 218 -18.97 -13.96 -4.10
CA LEU B 218 -18.12 -14.78 -4.96
C LEU B 218 -18.72 -15.27 -6.29
N ASP B 219 -20.03 -15.51 -6.30
CA ASP B 219 -20.73 -16.10 -7.44
CA ASP B 219 -20.64 -16.08 -7.50
C ASP B 219 -21.60 -15.10 -8.20
N GLY B 220 -21.52 -13.83 -7.81
CA GLY B 220 -22.35 -12.80 -8.38
C GLY B 220 -23.59 -12.47 -7.57
N GLU B 221 -23.89 -13.27 -6.53
CA GLU B 221 -25.10 -13.01 -5.77
CA GLU B 221 -25.04 -13.05 -5.65
C GLU B 221 -25.00 -11.65 -5.05
N SER B 222 -26.15 -11.00 -4.91
CA SER B 222 -26.21 -9.68 -4.28
C SER B 222 -25.66 -9.70 -2.85
N LEU B 223 -25.10 -8.57 -2.43
CA LEU B 223 -24.57 -8.43 -1.08
C LEU B 223 -25.65 -7.86 -0.18
N GLY B 224 -26.80 -7.55 -0.77
CA GLY B 224 -27.87 -6.86 -0.09
C GLY B 224 -28.37 -7.55 1.17
N ASN B 225 -28.18 -8.86 1.25
CA ASN B 225 -28.70 -9.58 2.41
C ASN B 225 -27.67 -9.82 3.52
N LYS B 226 -26.44 -9.36 3.31
CA LYS B 226 -25.38 -9.46 4.31
C LYS B 226 -25.75 -8.69 5.60
N LYS B 227 -25.49 -9.30 6.75
CA LYS B 227 -25.98 -8.76 8.03
C LYS B 227 -24.96 -7.91 8.79
N PHE B 228 -25.45 -6.92 9.52
CA PHE B 228 -24.63 -6.18 10.45
C PHE B 228 -24.51 -6.94 11.77
N ASP B 229 -23.85 -8.08 11.75
CA ASP B 229 -23.52 -8.78 12.98
C ASP B 229 -22.04 -9.24 12.95
N MET B 230 -21.53 -9.68 14.10
CA MET B 230 -20.13 -10.09 14.17
C MET B 230 -19.88 -11.40 13.40
N GLN B 231 -20.92 -12.22 13.29
CA GLN B 231 -20.79 -13.53 12.65
CA GLN B 231 -20.84 -13.53 12.64
C GLN B 231 -20.62 -13.45 11.12
N GLU B 232 -21.12 -12.39 10.50
CA GLU B 232 -21.09 -12.25 9.03
C GLU B 232 -19.68 -12.18 8.40
N ARG B 233 -19.54 -12.82 7.24
CA ARG B 233 -18.27 -12.85 6.52
C ARG B 233 -18.55 -12.60 5.03
N LEU B 234 -17.55 -12.19 4.25
CA LEU B 234 -17.75 -11.82 2.83
C LEU B 234 -16.60 -12.17 1.89
N ASN B 235 -16.92 -12.56 0.67
CA ASN B 235 -15.96 -12.45 -0.43
C ASN B 235 -16.52 -11.35 -1.30
N ILE B 236 -15.66 -10.68 -2.05
CA ILE B 236 -16.09 -9.54 -2.84
CA ILE B 236 -16.08 -9.54 -2.84
C ILE B 236 -15.49 -9.59 -4.25
N VAL B 237 -16.34 -9.31 -5.23
CA VAL B 237 -15.88 -9.15 -6.59
C VAL B 237 -16.46 -7.85 -7.12
N ALA B 238 -15.61 -6.84 -7.25
CA ALA B 238 -16.08 -5.53 -7.70
C ALA B 238 -15.35 -5.05 -8.94
N ALA B 239 -16.12 -4.58 -9.91
CA ALA B 239 -15.59 -4.07 -11.17
C ALA B 239 -16.74 -3.31 -11.83
N ASN B 240 -16.45 -2.52 -12.86
CA ASN B 240 -17.52 -1.91 -13.65
C ASN B 240 -18.36 -2.99 -14.35
N GLU B 241 -19.53 -2.58 -14.85
CA GLU B 241 -20.49 -3.51 -15.45
CA GLU B 241 -20.49 -3.50 -15.46
C GLU B 241 -19.89 -4.41 -16.53
N LYS B 242 -19.09 -3.83 -17.43
CA LYS B 242 -18.49 -4.65 -18.49
C LYS B 242 -17.49 -5.65 -17.92
N LEU B 243 -16.54 -5.16 -17.14
CA LEU B 243 -15.42 -5.97 -16.67
C LEU B 243 -15.86 -7.06 -15.72
N HIS B 244 -16.95 -6.77 -15.01
CA HIS B 244 -17.36 -7.61 -13.88
C HIS B 244 -17.65 -9.08 -14.23
N PRO B 245 -18.51 -9.34 -15.23
CA PRO B 245 -18.75 -10.76 -15.50
C PRO B 245 -17.52 -11.45 -16.04
N LYS B 246 -16.63 -10.70 -16.69
CA LYS B 246 -15.40 -11.28 -17.21
C LYS B 246 -14.53 -11.77 -16.07
N LEU B 247 -14.63 -11.09 -14.94
CA LEU B 247 -13.89 -11.46 -13.74
C LEU B 247 -14.53 -12.66 -13.08
N LEU B 248 -15.85 -12.75 -13.19
CA LEU B 248 -16.58 -13.83 -12.54
C LEU B 248 -16.19 -15.16 -13.12
N GLU B 249 -15.98 -15.19 -14.44
CA GLU B 249 -15.54 -16.39 -15.13
C GLU B 249 -14.13 -16.74 -14.69
N LEU B 250 -13.26 -15.74 -14.75
CA LEU B 250 -11.84 -15.90 -14.46
C LEU B 250 -11.53 -16.65 -13.15
N ILE B 251 -12.29 -16.38 -12.10
CA ILE B 251 -11.96 -16.90 -10.77
C ILE B 251 -12.55 -18.27 -10.45
N LYS B 252 -13.43 -18.77 -11.31
CA LYS B 252 -13.95 -20.11 -11.12
C LYS B 252 -12.77 -21.09 -11.12
#